data_3DDA
#
_entry.id   3DDA
#
_cell.length_a   49.143
_cell.length_b   66.192
_cell.length_c   64.818
_cell.angle_alpha   90.00
_cell.angle_beta   99.09
_cell.angle_gamma   90.00
#
_symmetry.space_group_name_H-M   'P 1 21 1'
#
loop_
_entity.id
_entity.type
_entity.pdbx_description
1 polymer 'Botulinum neurotoxin A light chain'
2 polymer 'Synaptosomal-associated protein 25'
3 non-polymer 'ZINC ION'
4 non-polymer 'SULFATE ION'
5 water water
#
loop_
_entity_poly.entity_id
_entity_poly.type
_entity_poly.pdbx_seq_one_letter_code
_entity_poly.pdbx_strand_id
1 'polypeptide(L)'
;MPFVNKQFNYKDPVNGVDIAYIKIPNAGQMQPVKAFKIHNKIWVIPERDTFTNPEEGDLNPPPEAKQVPVSYYDSTYLST
DNEKDNYLKGVTKLFERIYSTDLGRMLLTSIVRGIPFWGGSTIDTELKVIDTNCINVIQPDGSYRSEELNLVIIGPSADI
IQFECKSFGHEVLNLTRNGYGSTQYIRFSPDFTFGFEESLEVDTNPLLGAGKFATDPAVTLAHELIHAGHRLYGIAINPN
RVFKVNTNAYYEMSGLEVSFEELRTFGGHDAKFIDSLQENEFRLYYYNKFKDIASTLNKAKSIVGTTASLQYMKNVFKEK
YLLSEDTSGKFSVDKLKFDKLYKMLTEIYTEDNFVKFFKVLNRKTYLNFDKAVFKINIVPKVNYTIYDGFNLRNTNLAAN
FNGQNTEINNMNFTKLKNFTGLFEHHHHHH
;
A
2 'polypeptide(L)' QRATKM(NH2) B
#
# COMPACT_ATOMS: atom_id res chain seq x y z
N MET A 1 -5.03 -21.89 -6.57
CA MET A 1 -3.63 -21.39 -6.71
C MET A 1 -3.57 -19.87 -6.88
N PRO A 2 -4.54 -19.28 -7.60
CA PRO A 2 -4.49 -17.82 -7.76
C PRO A 2 -4.73 -17.15 -6.43
N PHE A 3 -4.28 -15.90 -6.30
CA PHE A 3 -4.47 -15.16 -5.06
C PHE A 3 -5.94 -14.82 -4.86
N VAL A 4 -6.61 -14.51 -5.95
CA VAL A 4 -8.04 -14.18 -5.92
C VAL A 4 -8.77 -15.33 -6.60
N ASN A 5 -9.44 -16.16 -5.79
CA ASN A 5 -10.15 -17.32 -6.31
C ASN A 5 -11.50 -17.05 -6.96
N LYS A 6 -11.85 -15.79 -7.14
CA LYS A 6 -13.12 -15.43 -7.77
C LYS A 6 -12.96 -14.21 -8.66
N GLN A 7 -13.29 -14.37 -9.94
CA GLN A 7 -13.20 -13.28 -10.90
C GLN A 7 -14.45 -12.42 -10.79
N PHE A 8 -14.52 -11.64 -9.72
CA PHE A 8 -15.64 -10.76 -9.46
C PHE A 8 -16.00 -9.81 -10.57
N ASN A 9 -17.28 -9.51 -10.67
CA ASN A 9 -17.80 -8.54 -11.64
C ASN A 9 -18.45 -7.52 -10.71
N TYR A 10 -18.29 -6.24 -11.01
CA TYR A 10 -18.87 -5.23 -10.13
C TYR A 10 -20.36 -5.40 -9.91
N LYS A 11 -21.07 -5.86 -10.94
CA LYS A 11 -22.51 -6.03 -10.84
C LYS A 11 -23.00 -7.33 -10.22
N ASP A 12 -22.08 -8.18 -9.78
CA ASP A 12 -22.49 -9.43 -9.15
C ASP A 12 -23.33 -9.08 -7.92
N PRO A 13 -24.41 -9.83 -7.69
CA PRO A 13 -25.28 -9.57 -6.53
C PRO A 13 -24.59 -9.69 -5.18
N VAL A 14 -24.93 -8.80 -4.25
CA VAL A 14 -24.34 -8.85 -2.92
C VAL A 14 -24.79 -10.11 -2.21
N ASN A 15 -23.90 -10.67 -1.40
CA ASN A 15 -24.22 -11.89 -0.65
C ASN A 15 -23.97 -11.69 0.86
N GLY A 16 -23.49 -10.52 1.23
CA GLY A 16 -23.26 -10.24 2.63
C GLY A 16 -22.03 -10.91 3.23
N VAL A 17 -21.23 -11.55 2.39
CA VAL A 17 -20.01 -12.24 2.85
C VAL A 17 -18.79 -11.66 2.15
N ASP A 18 -18.60 -11.96 0.86
CA ASP A 18 -17.45 -11.40 0.15
C ASP A 18 -17.85 -10.35 -0.90
N ILE A 19 -19.15 -10.12 -1.05
CA ILE A 19 -19.67 -9.08 -1.93
C ILE A 19 -20.73 -8.45 -1.03
N ALA A 20 -20.46 -7.26 -0.52
CA ALA A 20 -21.41 -6.64 0.39
C ALA A 20 -21.28 -5.14 0.48
N TYR A 21 -22.32 -4.53 1.04
CA TYR A 21 -22.33 -3.10 1.27
C TYR A 21 -21.73 -2.97 2.65
N ILE A 22 -20.78 -2.05 2.80
CA ILE A 22 -20.09 -1.88 4.07
C ILE A 22 -19.92 -0.42 4.46
N LYS A 23 -19.52 -0.21 5.70
CA LYS A 23 -19.22 1.12 6.21
C LYS A 23 -17.89 1.01 6.94
N ILE A 24 -17.09 2.06 6.88
CA ILE A 24 -15.80 2.05 7.54
C ILE A 24 -15.85 2.93 8.78
N PRO A 25 -15.03 2.63 9.80
CA PRO A 25 -14.97 3.38 11.05
C PRO A 25 -14.22 4.70 10.93
N ASN A 26 -14.82 5.66 10.23
CA ASN A 26 -14.19 6.96 10.05
C ASN A 26 -14.70 8.00 11.05
N ALA A 27 -15.35 7.52 12.11
CA ALA A 27 -15.89 8.39 13.15
C ALA A 27 -16.88 9.40 12.58
N GLY A 28 -17.46 9.07 11.43
CA GLY A 28 -18.42 9.96 10.81
C GLY A 28 -19.52 9.18 10.14
N GLN A 29 -20.36 9.87 9.37
CA GLN A 29 -21.46 9.22 8.68
C GLN A 29 -21.13 9.01 7.21
N MET A 30 -21.66 7.94 6.64
CA MET A 30 -21.44 7.63 5.24
C MET A 30 -22.49 6.64 4.76
N GLN A 31 -22.82 6.68 3.48
CA GLN A 31 -23.77 5.73 2.92
C GLN A 31 -22.96 4.46 2.68
N PRO A 32 -23.58 3.29 2.82
CA PRO A 32 -22.84 2.04 2.59
C PRO A 32 -22.29 1.99 1.17
N VAL A 33 -21.09 1.44 1.01
CA VAL A 33 -20.48 1.31 -0.30
C VAL A 33 -20.28 -0.17 -0.62
N LYS A 34 -20.42 -0.53 -1.89
CA LYS A 34 -20.26 -1.92 -2.31
C LYS A 34 -18.78 -2.28 -2.30
N ALA A 35 -18.44 -3.34 -1.59
CA ALA A 35 -17.06 -3.80 -1.46
C ALA A 35 -16.92 -5.28 -1.80
N PHE A 36 -15.70 -5.67 -2.14
CA PHE A 36 -15.40 -7.04 -2.53
C PHE A 36 -14.21 -7.59 -1.75
N LYS A 37 -14.39 -8.74 -1.12
CA LYS A 37 -13.32 -9.38 -0.37
C LYS A 37 -12.64 -10.31 -1.35
N ILE A 38 -11.45 -9.91 -1.81
CA ILE A 38 -10.72 -10.70 -2.79
C ILE A 38 -9.82 -11.79 -2.22
N HIS A 39 -9.55 -11.72 -0.92
CA HIS A 39 -8.69 -12.71 -0.26
C HIS A 39 -8.89 -12.55 1.24
N ASN A 40 -8.54 -13.57 2.01
CA ASN A 40 -8.68 -13.48 3.45
C ASN A 40 -7.98 -12.20 3.92
N LYS A 41 -8.70 -11.39 4.70
CA LYS A 41 -8.19 -10.13 5.26
C LYS A 41 -7.99 -8.97 4.27
N ILE A 42 -8.36 -9.16 3.02
CA ILE A 42 -8.15 -8.12 2.01
C ILE A 42 -9.40 -7.78 1.20
N TRP A 43 -9.79 -6.50 1.24
CA TRP A 43 -10.96 -6.02 0.52
C TRP A 43 -10.64 -4.94 -0.49
N VAL A 44 -11.52 -4.78 -1.46
CA VAL A 44 -11.40 -3.75 -2.48
C VAL A 44 -12.70 -2.96 -2.53
N ILE A 45 -12.58 -1.63 -2.48
CA ILE A 45 -13.73 -0.74 -2.52
C ILE A 45 -13.53 0.12 -3.78
N PRO A 46 -14.27 -0.15 -4.85
CA PRO A 46 -14.17 0.60 -6.10
C PRO A 46 -14.85 1.96 -6.03
N GLU A 47 -14.40 2.80 -5.10
CA GLU A 47 -14.95 4.13 -4.92
C GLU A 47 -13.82 5.11 -4.68
N ARG A 48 -14.05 6.38 -5.01
CA ARG A 48 -13.06 7.42 -4.74
C ARG A 48 -13.06 7.57 -3.23
N ASP A 49 -11.90 7.70 -2.62
CA ASP A 49 -11.84 7.81 -1.16
C ASP A 49 -12.21 9.17 -0.57
N THR A 50 -13.48 9.31 -0.22
CA THR A 50 -13.99 10.53 0.40
C THR A 50 -14.39 10.11 1.81
N PHE A 51 -13.87 8.97 2.25
CA PHE A 51 -14.24 8.42 3.56
C PHE A 51 -13.20 8.42 4.68
N THR A 52 -11.95 8.10 4.37
CA THR A 52 -10.94 8.05 5.42
C THR A 52 -10.61 9.39 6.07
N ASN A 53 -10.75 10.47 5.33
CA ASN A 53 -10.47 11.80 5.85
C ASN A 53 -11.65 12.74 5.61
N PRO A 54 -12.24 13.27 6.70
CA PRO A 54 -13.38 14.19 6.64
C PRO A 54 -13.14 15.44 5.80
N GLU A 55 -11.91 15.96 5.86
CA GLU A 55 -11.55 17.16 5.13
C GLU A 55 -11.17 16.88 3.67
N GLU A 56 -11.29 15.63 3.24
CA GLU A 56 -10.97 15.27 1.87
C GLU A 56 -12.13 14.51 1.25
N GLY A 57 -13.32 15.09 1.33
CA GLY A 57 -14.50 14.46 0.76
C GLY A 57 -15.01 15.18 -0.47
N ASP A 58 -14.23 16.16 -0.93
CA ASP A 58 -14.60 16.94 -2.11
C ASP A 58 -13.68 16.61 -3.27
N LEU A 59 -14.24 15.97 -4.30
CA LEU A 59 -13.45 15.60 -5.47
C LEU A 59 -13.32 16.74 -6.46
N ASN A 60 -14.12 17.80 -6.25
CA ASN A 60 -14.10 18.96 -7.12
C ASN A 60 -12.74 19.66 -7.10
N PRO A 61 -12.16 19.89 -8.28
CA PRO A 61 -10.85 20.54 -8.43
C PRO A 61 -10.92 22.04 -8.20
N PRO A 62 -10.04 22.57 -7.32
CA PRO A 62 -10.02 24.00 -7.03
C PRO A 62 -9.70 24.77 -8.32
N PRO A 63 -9.69 26.11 -8.26
CA PRO A 63 -9.38 26.88 -9.47
C PRO A 63 -8.06 26.46 -10.13
N GLU A 64 -8.04 26.44 -11.45
CA GLU A 64 -6.84 26.06 -12.20
C GLU A 64 -5.62 26.83 -11.75
N ALA A 65 -5.83 28.05 -11.27
CA ALA A 65 -4.74 28.89 -10.80
C ALA A 65 -4.29 28.53 -9.38
N LYS A 66 -4.87 27.47 -8.81
CA LYS A 66 -4.48 27.05 -7.46
C LYS A 66 -4.08 25.58 -7.45
N GLN A 67 -3.59 25.11 -8.59
CA GLN A 67 -3.15 23.73 -8.74
C GLN A 67 -1.63 23.63 -8.68
N VAL A 68 -1.14 22.63 -7.93
CA VAL A 68 0.30 22.40 -7.76
C VAL A 68 0.91 21.82 -9.02
N PRO A 69 2.23 21.57 -9.01
CA PRO A 69 2.86 21.01 -10.21
C PRO A 69 2.46 19.56 -10.49
N VAL A 70 2.77 18.64 -9.59
CA VAL A 70 2.42 17.23 -9.80
C VAL A 70 1.13 16.85 -9.08
N SER A 71 0.04 16.85 -9.85
CA SER A 71 -1.29 16.48 -9.34
C SER A 71 -2.21 16.36 -10.54
N TYR A 72 -3.29 15.60 -10.39
CA TYR A 72 -4.23 15.43 -11.48
C TYR A 72 -5.64 15.26 -10.94
N TYR A 73 -6.55 16.10 -11.42
CA TYR A 73 -7.93 16.05 -10.94
C TYR A 73 -8.93 15.71 -12.05
N ASP A 74 -9.95 14.97 -11.65
CA ASP A 74 -11.07 14.58 -12.51
C ASP A 74 -12.13 14.02 -11.60
N SER A 75 -13.06 14.88 -11.21
CA SER A 75 -14.13 14.51 -10.30
C SER A 75 -15.02 13.38 -10.80
N THR A 76 -15.01 13.12 -12.11
CA THR A 76 -15.86 12.07 -12.67
C THR A 76 -15.21 10.69 -12.71
N TYR A 77 -13.90 10.61 -12.47
CA TYR A 77 -13.24 9.33 -12.51
C TYR A 77 -13.77 8.36 -11.44
N LEU A 78 -14.05 7.14 -11.87
CA LEU A 78 -14.55 6.08 -11.00
C LEU A 78 -15.94 6.38 -10.43
N SER A 79 -16.82 6.89 -11.28
CA SER A 79 -18.18 7.22 -10.85
C SER A 79 -19.23 6.33 -11.50
N THR A 80 -18.82 5.56 -12.50
CA THR A 80 -19.76 4.68 -13.21
C THR A 80 -19.51 3.20 -12.94
N ASP A 81 -20.53 2.39 -13.16
CA ASP A 81 -20.41 0.95 -12.94
C ASP A 81 -19.32 0.32 -13.79
N ASN A 82 -19.21 0.72 -15.06
CA ASN A 82 -18.20 0.13 -15.92
C ASN A 82 -16.81 0.46 -15.40
N GLU A 83 -16.60 1.69 -14.94
CA GLU A 83 -15.30 2.07 -14.40
C GLU A 83 -14.98 1.24 -13.17
N LYS A 84 -15.98 1.04 -12.32
CA LYS A 84 -15.76 0.27 -11.11
C LYS A 84 -15.48 -1.19 -11.42
N ASP A 85 -16.12 -1.70 -12.47
CA ASP A 85 -15.90 -3.09 -12.89
C ASP A 85 -14.45 -3.21 -13.35
N ASN A 86 -14.01 -2.25 -14.17
CA ASN A 86 -12.65 -2.28 -14.69
C ASN A 86 -11.62 -2.06 -13.58
N TYR A 87 -11.98 -1.24 -12.60
CA TYR A 87 -11.10 -0.96 -11.46
C TYR A 87 -10.88 -2.25 -10.67
N LEU A 88 -11.98 -2.94 -10.39
CA LEU A 88 -11.92 -4.19 -9.63
C LEU A 88 -11.08 -5.23 -10.37
N LYS A 89 -11.30 -5.37 -11.68
CA LYS A 89 -10.54 -6.34 -12.46
C LYS A 89 -9.07 -5.94 -12.58
N GLY A 90 -8.81 -4.64 -12.66
CA GLY A 90 -7.44 -4.16 -12.75
C GLY A 90 -6.67 -4.42 -11.47
N VAL A 91 -7.28 -4.11 -10.34
CA VAL A 91 -6.62 -4.34 -9.05
C VAL A 91 -6.39 -5.84 -8.86
N THR A 92 -7.38 -6.64 -9.22
CA THR A 92 -7.24 -8.09 -9.08
C THR A 92 -6.07 -8.60 -9.91
N LYS A 93 -5.96 -8.14 -11.15
CA LYS A 93 -4.87 -8.58 -12.01
C LYS A 93 -3.51 -8.22 -11.42
N LEU A 94 -3.41 -7.03 -10.83
CA LEU A 94 -2.14 -6.63 -10.24
C LEU A 94 -1.78 -7.47 -9.04
N PHE A 95 -2.77 -7.87 -8.24
CA PHE A 95 -2.47 -8.73 -7.09
C PHE A 95 -1.94 -10.07 -7.62
N GLU A 96 -2.53 -10.57 -8.71
CA GLU A 96 -2.07 -11.83 -9.29
C GLU A 96 -0.66 -11.69 -9.84
N ARG A 97 -0.37 -10.57 -10.47
CA ARG A 97 0.96 -10.33 -11.02
C ARG A 97 1.98 -10.33 -9.88
N ILE A 98 1.65 -9.63 -8.80
CA ILE A 98 2.54 -9.59 -7.65
C ILE A 98 2.69 -10.97 -7.03
N TYR A 99 1.57 -11.66 -6.85
CA TYR A 99 1.58 -12.98 -6.24
C TYR A 99 2.31 -14.03 -7.08
N SER A 100 2.41 -13.81 -8.38
CA SER A 100 3.08 -14.75 -9.29
C SER A 100 4.60 -14.79 -9.10
N THR A 101 5.14 -13.83 -8.36
CA THR A 101 6.57 -13.77 -8.10
C THR A 101 6.82 -14.28 -6.69
N ASP A 102 8.00 -14.86 -6.44
CA ASP A 102 8.27 -15.37 -5.10
C ASP A 102 8.25 -14.23 -4.09
N LEU A 103 8.84 -13.10 -4.47
CA LEU A 103 8.89 -11.94 -3.58
C LEU A 103 7.48 -11.46 -3.26
N GLY A 104 6.61 -11.42 -4.26
CA GLY A 104 5.24 -10.99 -4.05
C GLY A 104 4.49 -11.95 -3.16
N ARG A 105 4.71 -13.24 -3.35
CA ARG A 105 4.05 -14.25 -2.51
C ARG A 105 4.50 -14.06 -1.07
N MET A 106 5.80 -13.80 -0.87
CA MET A 106 6.33 -13.60 0.47
C MET A 106 5.69 -12.37 1.11
N LEU A 107 5.67 -11.26 0.38
CA LEU A 107 5.09 -10.03 0.90
C LEU A 107 3.60 -10.18 1.25
N LEU A 108 2.83 -10.76 0.33
CA LEU A 108 1.40 -10.91 0.60
C LEU A 108 1.13 -11.85 1.76
N THR A 109 1.98 -12.86 1.92
CA THR A 109 1.83 -13.79 3.03
C THR A 109 2.09 -13.01 4.33
N SER A 110 3.14 -12.19 4.34
CA SER A 110 3.45 -11.39 5.52
C SER A 110 2.28 -10.45 5.85
N ILE A 111 1.69 -9.86 4.81
CA ILE A 111 0.57 -8.95 5.01
C ILE A 111 -0.65 -9.67 5.60
N VAL A 112 -1.00 -10.82 5.07
CA VAL A 112 -2.16 -11.55 5.59
C VAL A 112 -1.92 -11.99 7.04
N ARG A 113 -0.69 -12.34 7.39
CA ARG A 113 -0.37 -12.75 8.76
C ARG A 113 -0.27 -11.55 9.70
N GLY A 114 -0.13 -10.36 9.12
CA GLY A 114 0.04 -9.16 9.93
C GLY A 114 -1.20 -8.55 10.56
N ILE A 115 -2.01 -9.38 11.19
CA ILE A 115 -3.23 -8.91 11.83
C ILE A 115 -2.97 -7.80 12.84
N PRO A 116 -3.69 -6.67 12.74
CA PRO A 116 -3.48 -5.57 13.69
C PRO A 116 -3.64 -6.09 15.12
N PHE A 117 -2.70 -5.72 15.97
CA PHE A 117 -2.73 -6.19 17.35
C PHE A 117 -4.01 -5.83 18.12
N TRP A 118 -4.41 -6.73 19.00
CA TRP A 118 -5.59 -6.54 19.82
C TRP A 118 -5.17 -5.73 21.06
N GLY A 119 -5.01 -4.43 20.88
CA GLY A 119 -4.60 -3.59 21.99
C GLY A 119 -5.63 -2.55 22.38
N GLY A 120 -6.91 -2.91 22.28
CA GLY A 120 -7.96 -1.99 22.61
C GLY A 120 -8.44 -2.06 24.07
N SER A 121 -7.91 -3.02 24.82
CA SER A 121 -8.30 -3.18 26.22
C SER A 121 -7.58 -2.21 27.13
N THR A 122 -8.30 -1.66 28.11
CA THR A 122 -7.71 -0.75 29.07
C THR A 122 -7.37 -1.53 30.33
N ILE A 123 -7.65 -2.82 30.30
CA ILE A 123 -7.38 -3.73 31.41
C ILE A 123 -6.33 -4.74 30.94
N ASP A 124 -5.16 -4.72 31.59
CA ASP A 124 -4.06 -5.61 31.23
C ASP A 124 -4.37 -7.09 31.22
N THR A 125 -5.32 -7.52 32.05
CA THR A 125 -5.67 -8.93 32.12
C THR A 125 -6.62 -9.39 31.01
N GLU A 126 -7.04 -8.45 30.15
CA GLU A 126 -7.94 -8.81 29.06
C GLU A 126 -7.41 -8.34 27.71
N LEU A 127 -7.58 -9.19 26.70
CA LEU A 127 -7.13 -8.89 25.34
C LEU A 127 -8.36 -8.48 24.53
N LYS A 128 -8.32 -7.29 23.93
CA LYS A 128 -9.45 -6.79 23.15
C LYS A 128 -9.05 -6.17 21.81
N VAL A 129 -9.92 -6.33 20.82
CA VAL A 129 -9.69 -5.80 19.48
C VAL A 129 -9.88 -4.28 19.46
N ILE A 130 -9.32 -3.64 18.44
CA ILE A 130 -9.47 -2.19 18.27
C ILE A 130 -10.45 -2.03 17.11
N ASP A 131 -11.61 -1.47 17.41
CA ASP A 131 -12.68 -1.28 16.44
C ASP A 131 -12.32 -0.65 15.10
N THR A 132 -11.35 0.26 15.08
CA THR A 132 -10.99 0.90 13.83
C THR A 132 -10.20 0.01 12.89
N ASN A 133 -9.94 -1.22 13.31
CA ASN A 133 -9.23 -2.19 12.47
C ASN A 133 -10.25 -3.18 11.91
N CYS A 134 -11.51 -2.73 11.85
CA CYS A 134 -12.60 -3.54 11.34
C CYS A 134 -13.45 -2.71 10.39
N ILE A 135 -14.37 -3.37 9.71
CA ILE A 135 -15.33 -2.71 8.85
C ILE A 135 -16.67 -3.30 9.27
N ASN A 136 -17.75 -2.58 9.01
CA ASN A 136 -19.08 -3.07 9.36
C ASN A 136 -19.72 -3.55 8.09
N VAL A 137 -19.98 -4.86 8.03
CA VAL A 137 -20.55 -5.49 6.86
C VAL A 137 -22.06 -5.70 7.01
N ILE A 138 -22.82 -5.26 6.01
CA ILE A 138 -24.26 -5.45 6.08
C ILE A 138 -24.56 -6.90 5.71
N GLN A 139 -25.20 -7.61 6.64
CA GLN A 139 -25.55 -9.02 6.44
C GLN A 139 -26.85 -9.15 5.65
N PRO A 140 -27.19 -10.38 5.21
CA PRO A 140 -28.42 -10.59 4.45
C PRO A 140 -29.68 -10.11 5.15
N ASP A 141 -29.66 -10.11 6.48
CA ASP A 141 -30.82 -9.68 7.26
C ASP A 141 -30.84 -8.17 7.52
N GLY A 142 -29.88 -7.46 6.93
CA GLY A 142 -29.83 -6.02 7.09
C GLY A 142 -29.04 -5.51 8.29
N SER A 143 -28.64 -6.42 9.17
CA SER A 143 -27.88 -6.04 10.35
C SER A 143 -26.40 -5.94 10.00
N TYR A 144 -25.65 -5.24 10.85
CA TYR A 144 -24.22 -5.06 10.64
C TYR A 144 -23.42 -6.03 11.50
N ARG A 145 -22.33 -6.54 10.94
CA ARG A 145 -21.45 -7.42 11.70
C ARG A 145 -20.05 -6.87 11.51
N SER A 146 -19.30 -6.82 12.60
CA SER A 146 -17.94 -6.29 12.57
C SER A 146 -16.96 -7.34 12.09
N GLU A 147 -16.18 -6.99 11.07
CA GLU A 147 -15.18 -7.91 10.54
C GLU A 147 -13.79 -7.28 10.54
N GLU A 148 -12.84 -8.00 11.12
CA GLU A 148 -11.46 -7.52 11.17
C GLU A 148 -10.86 -7.72 9.79
N LEU A 149 -10.00 -6.80 9.39
CA LEU A 149 -9.34 -6.92 8.10
C LEU A 149 -7.98 -6.23 8.18
N ASN A 150 -7.09 -6.56 7.25
CA ASN A 150 -5.75 -5.99 7.26
C ASN A 150 -5.55 -4.93 6.18
N LEU A 151 -6.18 -5.13 5.04
CA LEU A 151 -5.97 -4.23 3.92
C LEU A 151 -7.20 -3.93 3.10
N VAL A 152 -7.29 -2.69 2.66
CA VAL A 152 -8.39 -2.23 1.80
C VAL A 152 -7.75 -1.45 0.66
N ILE A 153 -8.11 -1.78 -0.56
CA ILE A 153 -7.61 -1.03 -1.71
C ILE A 153 -8.80 -0.19 -2.10
N ILE A 154 -8.62 1.12 -2.12
CA ILE A 154 -9.71 2.05 -2.44
C ILE A 154 -9.23 3.05 -3.50
N GLY A 155 -10.16 3.67 -4.20
CA GLY A 155 -9.79 4.63 -5.22
C GLY A 155 -9.20 5.88 -4.59
N PRO A 156 -8.46 6.67 -5.37
CA PRO A 156 -7.86 7.90 -4.85
C PRO A 156 -8.91 8.96 -4.48
N SER A 157 -8.47 9.93 -3.69
CA SER A 157 -9.35 11.02 -3.29
C SER A 157 -9.33 12.05 -4.42
N ALA A 158 -9.44 13.34 -4.10
CA ALA A 158 -9.47 14.38 -5.14
C ALA A 158 -8.28 14.32 -6.09
N ASP A 159 -7.06 14.32 -5.55
CA ASP A 159 -5.87 14.23 -6.40
C ASP A 159 -5.71 12.76 -6.76
N ILE A 160 -6.07 12.44 -7.99
CA ILE A 160 -6.02 11.07 -8.49
C ILE A 160 -4.67 10.37 -8.40
N ILE A 161 -3.58 11.11 -8.58
CA ILE A 161 -2.27 10.48 -8.56
C ILE A 161 -1.55 10.43 -7.21
N GLN A 162 -2.23 10.86 -6.16
CA GLN A 162 -1.65 10.82 -4.82
C GLN A 162 -1.98 9.48 -4.17
N PHE A 163 -1.24 8.45 -4.57
CA PHE A 163 -1.44 7.11 -4.00
C PHE A 163 -0.71 7.07 -2.68
N GLU A 164 -1.30 6.39 -1.69
CA GLU A 164 -0.67 6.28 -0.38
C GLU A 164 -1.51 5.47 0.59
N CYS A 165 -0.87 5.06 1.68
CA CYS A 165 -1.51 4.29 2.72
C CYS A 165 -2.13 5.21 3.77
N LYS A 166 -3.40 4.97 4.06
CA LYS A 166 -4.12 5.76 5.06
C LYS A 166 -4.62 4.76 6.10
N SER A 167 -4.65 5.16 7.36
CA SER A 167 -5.17 4.28 8.39
C SER A 167 -5.70 5.12 9.54
N PHE A 168 -6.68 4.57 10.25
CA PHE A 168 -7.28 5.28 11.35
C PHE A 168 -6.40 5.22 12.58
N GLY A 169 -6.22 6.37 13.22
CA GLY A 169 -5.37 6.44 14.38
C GLY A 169 -6.07 6.13 15.69
N HIS A 170 -5.29 6.19 16.77
CA HIS A 170 -5.80 5.93 18.10
C HIS A 170 -5.59 7.21 18.91
N GLU A 171 -6.36 7.37 19.97
CA GLU A 171 -6.26 8.55 20.82
C GLU A 171 -4.91 8.64 21.52
N VAL A 172 -4.38 7.49 21.92
CA VAL A 172 -3.11 7.45 22.65
C VAL A 172 -2.00 6.67 21.96
N LEU A 173 -2.38 5.71 21.12
CA LEU A 173 -1.42 4.86 20.44
C LEU A 173 -1.05 5.27 19.01
N ASN A 174 0.22 5.12 18.68
CA ASN A 174 0.73 5.40 17.34
C ASN A 174 0.81 4.00 16.74
N LEU A 175 -0.34 3.48 16.32
CA LEU A 175 -0.45 2.13 15.78
C LEU A 175 0.51 1.71 14.68
N THR A 176 0.89 2.62 13.79
CA THR A 176 1.80 2.22 12.72
C THR A 176 3.26 2.27 13.14
N ARG A 177 3.54 2.74 14.36
CA ARG A 177 4.91 2.86 14.82
C ARG A 177 5.16 2.28 16.21
N ASN A 178 4.20 1.56 16.77
CA ASN A 178 4.38 1.00 18.09
C ASN A 178 4.30 -0.53 18.09
N GLY A 179 4.47 -1.12 16.91
CA GLY A 179 4.43 -2.56 16.78
C GLY A 179 3.03 -3.16 16.62
N TYR A 180 2.00 -2.40 16.99
CA TYR A 180 0.63 -2.89 16.91
C TYR A 180 0.11 -3.14 15.50
N GLY A 181 0.20 -2.12 14.66
CA GLY A 181 -0.30 -2.23 13.31
C GLY A 181 -1.74 -1.81 13.29
N SER A 182 -2.23 -1.43 12.11
CA SER A 182 -3.61 -1.01 11.94
C SER A 182 -4.04 -1.33 10.51
N THR A 183 -5.35 -1.44 10.29
CA THR A 183 -5.87 -1.72 8.97
C THR A 183 -5.42 -0.62 8.02
N GLN A 184 -4.87 -1.03 6.88
CA GLN A 184 -4.36 -0.08 5.90
C GLN A 184 -5.29 0.11 4.70
N TYR A 185 -5.55 1.36 4.39
CA TYR A 185 -6.40 1.75 3.27
C TYR A 185 -5.46 2.34 2.23
N ILE A 186 -5.25 1.62 1.14
CA ILE A 186 -4.36 2.13 0.10
C ILE A 186 -5.13 2.83 -1.00
N ARG A 187 -4.89 4.13 -1.13
CA ARG A 187 -5.51 4.91 -2.21
C ARG A 187 -4.67 4.52 -3.41
N PHE A 188 -5.31 3.95 -4.42
CA PHE A 188 -4.59 3.49 -5.58
C PHE A 188 -5.50 3.36 -6.79
N SER A 189 -4.93 3.50 -7.99
CA SER A 189 -5.71 3.32 -9.21
C SER A 189 -4.88 2.57 -10.23
N PRO A 190 -5.48 1.55 -10.87
CA PRO A 190 -4.77 0.77 -11.89
C PRO A 190 -5.07 1.37 -13.27
N ASP A 191 -5.84 2.45 -13.29
CA ASP A 191 -6.26 3.10 -14.54
C ASP A 191 -5.38 4.22 -15.06
N PHE A 192 -4.30 4.49 -14.35
CA PHE A 192 -3.35 5.52 -14.72
C PHE A 192 -1.97 5.04 -14.36
N THR A 193 -0.96 5.58 -15.02
CA THR A 193 0.39 5.27 -14.63
C THR A 193 1.24 6.49 -14.93
N PHE A 194 2.51 6.42 -14.60
CA PHE A 194 3.40 7.57 -14.73
C PHE A 194 4.61 7.34 -15.58
N GLY A 195 5.04 8.38 -16.27
CA GLY A 195 6.20 8.25 -17.12
C GLY A 195 7.48 8.58 -16.40
N PHE A 196 8.58 8.01 -16.87
CA PHE A 196 9.89 8.28 -16.31
C PHE A 196 10.87 8.22 -17.47
N GLU A 197 12.10 8.66 -17.21
CA GLU A 197 13.12 8.69 -18.25
C GLU A 197 14.21 7.66 -18.05
N GLU A 198 14.63 7.05 -19.16
CA GLU A 198 15.65 6.02 -19.18
C GLU A 198 17.05 6.45 -18.77
N SER A 199 17.37 7.73 -18.97
CA SER A 199 18.69 8.25 -18.58
C SER A 199 18.57 8.87 -17.19
N LEU A 200 19.43 8.45 -16.27
CA LEU A 200 19.40 8.96 -14.91
C LEU A 200 19.52 10.48 -14.80
N GLU A 201 20.43 11.06 -15.58
CA GLU A 201 20.62 12.51 -15.54
C GLU A 201 19.40 13.26 -16.04
N VAL A 202 18.56 12.59 -16.82
CA VAL A 202 17.34 13.20 -17.33
C VAL A 202 16.21 12.97 -16.34
N ASP A 203 16.09 11.74 -15.84
CA ASP A 203 15.02 11.42 -14.91
C ASP A 203 15.09 12.23 -13.62
N THR A 204 16.31 12.55 -13.20
CA THR A 204 16.51 13.31 -11.96
C THR A 204 16.62 14.82 -12.19
N ASN A 205 16.27 15.26 -13.39
CA ASN A 205 16.30 16.68 -13.73
C ASN A 205 14.85 17.13 -13.96
N PRO A 206 14.42 18.21 -13.29
CA PRO A 206 13.05 18.71 -13.43
C PRO A 206 12.70 19.40 -14.74
N LEU A 207 13.70 19.71 -15.56
CA LEU A 207 13.46 20.41 -16.82
C LEU A 207 13.58 19.55 -18.07
N LEU A 208 13.93 18.28 -17.90
CA LEU A 208 14.13 17.40 -19.05
C LEU A 208 13.29 16.14 -19.15
N GLY A 209 12.96 15.76 -20.38
CA GLY A 209 12.19 14.55 -20.61
C GLY A 209 10.69 14.71 -20.55
N ALA A 210 9.99 13.94 -21.39
CA ALA A 210 8.54 13.99 -21.44
C ALA A 210 7.90 12.75 -20.83
N GLY A 211 8.72 11.79 -20.42
CA GLY A 211 8.23 10.56 -19.84
C GLY A 211 8.05 9.48 -20.90
N LYS A 212 9.16 9.07 -21.51
CA LYS A 212 9.13 8.06 -22.56
C LYS A 212 8.66 6.69 -22.10
N PHE A 213 9.12 6.25 -20.95
CA PHE A 213 8.74 4.95 -20.44
C PHE A 213 7.67 5.03 -19.36
N ALA A 214 6.80 4.03 -19.35
CA ALA A 214 5.71 3.98 -18.39
C ALA A 214 6.01 3.01 -17.26
N THR A 215 5.76 3.48 -16.04
CA THR A 215 5.96 2.65 -14.87
C THR A 215 4.92 1.52 -14.89
N ASP A 216 5.34 0.31 -14.56
CA ASP A 216 4.40 -0.82 -14.52
C ASP A 216 3.59 -0.63 -13.24
N PRO A 217 2.26 -0.51 -13.35
CA PRO A 217 1.43 -0.33 -12.15
C PRO A 217 1.59 -1.40 -11.07
N ALA A 218 2.12 -2.57 -11.44
CA ALA A 218 2.33 -3.63 -10.45
C ALA A 218 3.42 -3.19 -9.47
N VAL A 219 4.40 -2.45 -9.98
CA VAL A 219 5.48 -1.94 -9.13
C VAL A 219 4.90 -0.86 -8.21
N THR A 220 4.06 0.00 -8.77
CA THR A 220 3.45 1.06 -7.97
C THR A 220 2.60 0.48 -6.83
N LEU A 221 1.80 -0.53 -7.14
CA LEU A 221 0.99 -1.15 -6.10
C LEU A 221 1.89 -1.85 -5.08
N ALA A 222 2.92 -2.54 -5.57
CA ALA A 222 3.85 -3.23 -4.67
C ALA A 222 4.47 -2.24 -3.68
N HIS A 223 4.81 -1.05 -4.17
CA HIS A 223 5.40 -0.01 -3.33
C HIS A 223 4.46 0.28 -2.17
N GLU A 224 3.18 0.48 -2.46
CA GLU A 224 2.23 0.76 -1.38
C GLU A 224 2.04 -0.45 -0.47
N LEU A 225 2.08 -1.66 -1.03
CA LEU A 225 1.93 -2.85 -0.21
C LEU A 225 3.11 -2.98 0.74
N ILE A 226 4.27 -2.49 0.32
CA ILE A 226 5.46 -2.52 1.17
C ILE A 226 5.22 -1.59 2.36
N HIS A 227 4.70 -0.40 2.08
CA HIS A 227 4.40 0.54 3.17
C HIS A 227 3.37 -0.10 4.09
N ALA A 228 2.35 -0.72 3.50
CA ALA A 228 1.29 -1.37 4.26
C ALA A 228 1.88 -2.43 5.19
N GLY A 229 2.86 -3.17 4.70
CA GLY A 229 3.50 -4.18 5.51
C GLY A 229 4.17 -3.55 6.72
N HIS A 230 4.88 -2.45 6.50
CA HIS A 230 5.54 -1.76 7.61
C HIS A 230 4.51 -1.30 8.62
N ARG A 231 3.43 -0.70 8.13
CA ARG A 231 2.39 -0.16 9.00
C ARG A 231 1.60 -1.24 9.73
N LEU A 232 1.39 -2.39 9.08
CA LEU A 232 0.67 -3.49 9.69
C LEU A 232 1.46 -4.13 10.83
N TYR A 233 2.79 -4.05 10.74
CA TYR A 233 3.66 -4.60 11.77
C TYR A 233 4.10 -3.50 12.73
N GLY A 234 3.52 -2.31 12.55
CA GLY A 234 3.82 -1.18 13.41
C GLY A 234 5.27 -0.75 13.45
N ILE A 235 5.97 -0.85 12.32
CA ILE A 235 7.37 -0.47 12.27
C ILE A 235 7.66 0.63 11.23
N ALA A 236 6.63 1.37 10.85
CA ALA A 236 6.82 2.47 9.90
C ALA A 236 7.67 3.53 10.58
N ILE A 237 8.55 4.18 9.83
CA ILE A 237 9.40 5.22 10.39
C ILE A 237 8.62 6.53 10.40
N ASN A 238 8.61 7.19 11.56
CA ASN A 238 7.92 8.46 11.71
C ASN A 238 8.24 9.35 10.50
N PRO A 239 7.20 9.86 9.80
CA PRO A 239 7.43 10.71 8.64
C PRO A 239 8.22 11.97 8.93
N ASN A 240 8.40 12.29 10.22
CA ASN A 240 9.15 13.48 10.59
C ASN A 240 10.65 13.24 10.46
N ARG A 241 11.05 11.97 10.40
CA ARG A 241 12.45 11.62 10.24
C ARG A 241 12.69 11.62 8.74
N VAL A 242 13.42 12.63 8.28
CA VAL A 242 13.68 12.78 6.85
C VAL A 242 15.11 13.01 6.45
N PHE A 243 15.37 12.79 5.18
CA PHE A 243 16.68 13.03 4.59
C PHE A 243 16.53 14.37 3.90
N LYS A 244 17.25 15.37 4.40
CA LYS A 244 17.20 16.70 3.81
C LYS A 244 18.13 16.57 2.61
N VAL A 245 17.56 16.07 1.52
CA VAL A 245 18.28 15.80 0.30
C VAL A 245 19.34 16.83 -0.09
N ASN A 246 20.58 16.36 -0.19
CA ASN A 246 21.69 17.22 -0.56
C ASN A 246 22.55 16.54 -1.63
N THR A 247 21.90 15.67 -2.40
CA THR A 247 22.55 14.91 -3.46
C THR A 247 21.93 15.22 -4.83
N ASN A 248 21.08 16.23 -4.87
CA ASN A 248 20.41 16.66 -6.09
C ASN A 248 20.20 18.16 -5.95
N ALA A 249 20.90 18.94 -6.78
CA ALA A 249 20.81 20.40 -6.73
C ALA A 249 19.40 20.96 -6.85
N TYR A 250 18.55 20.28 -7.62
CA TYR A 250 17.18 20.73 -7.81
C TYR A 250 16.35 20.46 -6.57
N TYR A 251 16.60 19.35 -5.90
CA TYR A 251 15.89 19.05 -4.66
C TYR A 251 16.32 20.11 -3.65
N GLU A 252 17.61 20.42 -3.64
CA GLU A 252 18.17 21.40 -2.71
C GLU A 252 17.61 22.80 -2.87
N MET A 253 17.51 23.28 -4.11
CA MET A 253 16.99 24.62 -4.33
C MET A 253 15.52 24.72 -3.93
N SER A 254 14.87 23.56 -3.77
CA SER A 254 13.47 23.52 -3.37
C SER A 254 13.35 23.05 -1.92
N GLY A 255 14.48 22.71 -1.31
CA GLY A 255 14.48 22.26 0.07
C GLY A 255 13.66 21.01 0.29
N LEU A 256 13.58 20.16 -0.72
CA LEU A 256 12.81 18.93 -0.64
C LEU A 256 13.36 17.95 0.39
N GLU A 257 12.50 17.51 1.31
CA GLU A 257 12.89 16.56 2.34
C GLU A 257 12.10 15.26 2.11
N VAL A 258 12.82 14.15 2.01
CA VAL A 258 12.20 12.85 1.76
C VAL A 258 12.29 11.97 3.02
N SER A 259 11.15 11.43 3.44
CA SER A 259 11.11 10.61 4.65
C SER A 259 11.96 9.34 4.51
N PHE A 260 12.53 8.90 5.63
CA PHE A 260 13.33 7.69 5.62
C PHE A 260 12.44 6.51 5.27
N GLU A 261 11.16 6.59 5.62
CA GLU A 261 10.20 5.53 5.32
C GLU A 261 10.13 5.29 3.81
N GLU A 262 10.17 6.36 3.02
CA GLU A 262 10.14 6.25 1.57
C GLU A 262 11.44 5.67 1.03
N LEU A 263 12.57 6.14 1.56
CA LEU A 263 13.87 5.65 1.10
C LEU A 263 14.01 4.16 1.41
N ARG A 264 13.54 3.75 2.58
CA ARG A 264 13.59 2.36 2.99
C ARG A 264 12.74 1.52 2.03
N THR A 265 11.55 2.01 1.74
CA THR A 265 10.62 1.32 0.86
C THR A 265 11.14 1.17 -0.57
N PHE A 266 11.82 2.19 -1.08
CA PHE A 266 12.35 2.07 -2.42
C PHE A 266 13.49 1.06 -2.41
N GLY A 267 14.34 1.16 -1.40
CA GLY A 267 15.47 0.24 -1.28
C GLY A 267 16.66 0.64 -2.13
N GLY A 268 17.41 -0.35 -2.60
CA GLY A 268 18.57 -0.06 -3.42
C GLY A 268 19.51 0.95 -2.77
N HIS A 269 20.09 1.82 -3.58
CA HIS A 269 21.02 2.83 -3.07
C HIS A 269 20.33 3.87 -2.19
N ASP A 270 19.04 4.08 -2.41
CA ASP A 270 18.27 5.06 -1.64
C ASP A 270 18.30 4.74 -0.13
N ALA A 271 18.22 3.46 0.19
CA ALA A 271 18.19 3.02 1.58
C ALA A 271 19.49 3.35 2.32
N LYS A 272 20.56 3.56 1.56
CA LYS A 272 21.86 3.88 2.13
C LYS A 272 21.95 5.31 2.66
N PHE A 273 20.94 6.12 2.38
CA PHE A 273 20.94 7.49 2.86
C PHE A 273 20.59 7.50 4.35
N ILE A 274 20.18 6.34 4.86
CA ILE A 274 19.87 6.19 6.27
C ILE A 274 21.15 5.59 6.85
N ASP A 275 21.93 6.40 7.56
CA ASP A 275 23.19 5.94 8.13
C ASP A 275 23.04 4.79 9.14
N SER A 276 24.15 4.09 9.36
CA SER A 276 24.18 2.96 10.29
C SER A 276 23.70 3.31 11.69
N LEU A 277 24.06 4.50 12.16
CA LEU A 277 23.66 4.94 13.49
C LEU A 277 22.14 4.98 13.59
N GLN A 278 21.51 5.66 12.63
CA GLN A 278 20.06 5.78 12.60
C GLN A 278 19.39 4.43 12.36
N GLU A 279 20.00 3.62 11.50
CA GLU A 279 19.46 2.30 11.20
C GLU A 279 19.39 1.46 12.47
N ASN A 280 20.46 1.50 13.25
CA ASN A 280 20.51 0.74 14.49
C ASN A 280 19.51 1.30 15.49
N GLU A 281 19.34 2.62 15.49
CA GLU A 281 18.41 3.30 16.39
C GLU A 281 17.00 2.78 16.16
N PHE A 282 16.59 2.74 14.89
CA PHE A 282 15.25 2.27 14.55
C PHE A 282 15.06 0.79 14.86
N ARG A 283 16.07 -0.03 14.54
CA ARG A 283 15.96 -1.45 14.81
C ARG A 283 15.73 -1.67 16.30
N LEU A 284 16.49 -0.98 17.12
CA LEU A 284 16.35 -1.10 18.58
C LEU A 284 14.97 -0.63 19.04
N TYR A 285 14.56 0.52 18.52
CA TYR A 285 13.26 1.12 18.84
C TYR A 285 12.12 0.15 18.60
N TYR A 286 12.10 -0.47 17.43
CA TYR A 286 11.02 -1.39 17.12
C TYR A 286 11.16 -2.73 17.86
N TYR A 287 12.38 -3.10 18.20
CA TYR A 287 12.62 -4.32 18.95
C TYR A 287 11.92 -4.11 20.30
N ASN A 288 12.08 -2.91 20.84
CA ASN A 288 11.47 -2.57 22.12
C ASN A 288 9.94 -2.60 22.05
N LYS A 289 9.39 -2.22 20.89
CA LYS A 289 7.94 -2.24 20.73
C LYS A 289 7.43 -3.67 20.70
N PHE A 290 8.18 -4.57 20.06
CA PHE A 290 7.78 -5.97 20.02
C PHE A 290 7.83 -6.53 21.44
N LYS A 291 8.79 -6.07 22.23
CA LYS A 291 8.89 -6.54 23.61
C LYS A 291 7.69 -6.08 24.42
N ASP A 292 7.22 -4.86 24.16
CA ASP A 292 6.06 -4.35 24.89
C ASP A 292 4.85 -5.22 24.56
N ILE A 293 4.78 -5.67 23.31
CA ILE A 293 3.67 -6.51 22.89
C ILE A 293 3.71 -7.87 23.59
N ALA A 294 4.90 -8.44 23.70
CA ALA A 294 5.05 -9.73 24.36
C ALA A 294 4.60 -9.61 25.82
N SER A 295 5.00 -8.51 26.46
CA SER A 295 4.64 -8.27 27.85
C SER A 295 3.12 -8.12 27.99
N THR A 296 2.53 -7.38 27.06
CA THR A 296 1.09 -7.16 27.09
C THR A 296 0.35 -8.49 26.93
N LEU A 297 0.83 -9.34 26.03
CA LEU A 297 0.21 -10.63 25.81
C LEU A 297 0.29 -11.50 27.06
N ASN A 298 1.44 -11.48 27.72
CA ASN A 298 1.62 -12.28 28.93
C ASN A 298 0.68 -11.87 30.05
N LYS A 299 0.35 -10.59 30.11
CA LYS A 299 -0.55 -10.09 31.14
C LYS A 299 -2.01 -10.48 30.87
N ALA A 300 -2.34 -10.68 29.60
CA ALA A 300 -3.70 -11.05 29.23
C ALA A 300 -4.05 -12.47 29.66
N LYS A 301 -5.13 -12.61 30.43
CA LYS A 301 -5.57 -13.91 30.93
C LYS A 301 -6.95 -14.27 30.40
N SER A 302 -7.65 -13.29 29.85
CA SER A 302 -8.98 -13.51 29.29
C SER A 302 -9.15 -12.74 27.99
N ILE A 303 -9.98 -13.26 27.10
CA ILE A 303 -10.22 -12.58 25.83
C ILE A 303 -11.59 -11.91 25.87
N VAL A 304 -11.70 -10.80 25.15
CA VAL A 304 -12.95 -10.06 25.08
C VAL A 304 -13.66 -10.39 23.77
N GLY A 305 -14.95 -10.70 23.85
CA GLY A 305 -15.69 -11.04 22.66
C GLY A 305 -15.87 -12.54 22.50
N THR A 306 -16.62 -12.95 21.48
CA THR A 306 -16.88 -14.36 21.23
C THR A 306 -16.44 -14.81 19.84
N THR A 307 -15.60 -14.00 19.19
CA THR A 307 -15.13 -14.33 17.85
C THR A 307 -14.03 -15.39 17.82
N ALA A 308 -13.09 -15.29 18.75
CA ALA A 308 -12.00 -16.25 18.82
C ALA A 308 -11.58 -16.53 20.26
N SER A 309 -10.82 -17.59 20.46
CA SER A 309 -10.36 -17.94 21.80
C SER A 309 -9.06 -17.19 22.09
N LEU A 310 -8.74 -17.05 23.37
CA LEU A 310 -7.53 -16.35 23.77
C LEU A 310 -6.31 -17.11 23.26
N GLN A 311 -6.36 -18.43 23.36
CA GLN A 311 -5.24 -19.26 22.90
C GLN A 311 -5.03 -19.10 21.40
N TYR A 312 -6.12 -18.92 20.66
CA TYR A 312 -5.99 -18.75 19.22
C TYR A 312 -5.37 -17.40 18.92
N MET A 313 -5.88 -16.34 19.54
CA MET A 313 -5.35 -15.01 19.29
C MET A 313 -3.90 -14.88 19.75
N LYS A 314 -3.53 -15.55 20.83
CA LYS A 314 -2.14 -15.47 21.29
C LYS A 314 -1.25 -16.16 20.26
N ASN A 315 -1.74 -17.23 19.64
CA ASN A 315 -0.98 -17.94 18.63
C ASN A 315 -0.88 -17.07 17.38
N VAL A 316 -1.95 -16.34 17.07
CA VAL A 316 -1.97 -15.46 15.90
C VAL A 316 -0.83 -14.44 16.02
N PHE A 317 -0.69 -13.87 17.20
CA PHE A 317 0.34 -12.88 17.41
C PHE A 317 1.72 -13.48 17.62
N LYS A 318 1.77 -14.73 18.08
CA LYS A 318 3.05 -15.40 18.26
C LYS A 318 3.61 -15.57 16.84
N GLU A 319 2.75 -15.97 15.92
CA GLU A 319 3.14 -16.18 14.53
C GLU A 319 3.44 -14.87 13.80
N LYS A 320 2.63 -13.85 14.06
CA LYS A 320 2.84 -12.56 13.39
C LYS A 320 4.21 -11.98 13.74
N TYR A 321 4.50 -11.91 15.03
CA TYR A 321 5.74 -11.34 15.52
C TYR A 321 6.87 -12.35 15.72
N LEU A 322 6.60 -13.61 15.40
CA LEU A 322 7.58 -14.67 15.54
C LEU A 322 8.16 -14.69 16.96
N LEU A 323 7.27 -14.63 17.94
CA LEU A 323 7.66 -14.63 19.34
C LEU A 323 8.08 -16.02 19.76
N SER A 324 8.84 -16.11 20.85
CA SER A 324 9.28 -17.38 21.39
C SER A 324 8.35 -17.70 22.55
N GLU A 325 8.03 -18.99 22.72
CA GLU A 325 7.16 -19.41 23.79
C GLU A 325 7.87 -20.46 24.65
N ASP A 326 7.92 -20.21 25.95
CA ASP A 326 8.58 -21.15 26.87
C ASP A 326 7.60 -22.14 27.48
N THR A 327 8.07 -22.87 28.48
CA THR A 327 7.26 -23.87 29.18
C THR A 327 5.95 -23.32 29.71
N SER A 328 6.03 -22.30 30.55
CA SER A 328 4.85 -21.69 31.13
C SER A 328 3.91 -21.09 30.08
N GLY A 329 4.36 -21.08 28.84
CA GLY A 329 3.55 -20.52 27.78
C GLY A 329 3.70 -19.01 27.73
N LYS A 330 4.78 -18.53 28.33
CA LYS A 330 5.07 -17.10 28.35
C LYS A 330 5.82 -16.71 27.09
N PHE A 331 5.49 -15.54 26.55
CA PHE A 331 6.13 -15.06 25.33
C PHE A 331 7.31 -14.13 25.57
N SER A 332 8.26 -14.16 24.65
CA SER A 332 9.44 -13.31 24.72
C SER A 332 9.88 -13.03 23.29
N VAL A 333 10.68 -11.98 23.12
CA VAL A 333 11.17 -11.63 21.80
C VAL A 333 12.63 -12.05 21.67
N ASP A 334 12.90 -12.90 20.70
CA ASP A 334 14.26 -13.38 20.44
C ASP A 334 14.91 -12.37 19.51
N LYS A 335 16.05 -11.83 19.92
CA LYS A 335 16.77 -10.84 19.12
C LYS A 335 17.03 -11.30 17.69
N LEU A 336 17.47 -12.54 17.54
CA LEU A 336 17.75 -13.10 16.22
C LEU A 336 16.50 -13.14 15.34
N LYS A 337 15.41 -13.63 15.92
CA LYS A 337 14.15 -13.74 15.18
C LYS A 337 13.62 -12.37 14.82
N PHE A 338 13.74 -11.42 15.76
CA PHE A 338 13.28 -10.07 15.48
C PHE A 338 14.06 -9.45 14.33
N ASP A 339 15.39 -9.49 14.44
CA ASP A 339 16.22 -8.93 13.39
C ASP A 339 15.88 -9.52 12.02
N LYS A 340 15.64 -10.82 11.99
CA LYS A 340 15.33 -11.50 10.74
C LYS A 340 14.00 -11.03 10.13
N LEU A 341 12.97 -10.91 10.96
CA LEU A 341 11.66 -10.46 10.48
C LEU A 341 11.71 -8.99 10.10
N TYR A 342 12.35 -8.20 10.95
CA TYR A 342 12.48 -6.77 10.70
C TYR A 342 13.19 -6.55 9.36
N LYS A 343 14.26 -7.30 9.14
CA LYS A 343 15.04 -7.19 7.91
C LYS A 343 14.21 -7.65 6.71
N MET A 344 13.42 -8.69 6.88
CA MET A 344 12.56 -9.17 5.80
C MET A 344 11.61 -8.07 5.35
N LEU A 345 10.91 -7.48 6.31
CA LEU A 345 9.92 -6.44 6.03
C LEU A 345 10.49 -5.13 5.52
N THR A 346 11.73 -4.83 5.89
CA THR A 346 12.35 -3.56 5.50
C THR A 346 13.40 -3.58 4.41
N GLU A 347 14.11 -4.70 4.24
CA GLU A 347 15.16 -4.81 3.24
C GLU A 347 14.87 -5.77 2.10
N ILE A 348 14.10 -6.82 2.36
CA ILE A 348 13.78 -7.77 1.31
C ILE A 348 12.61 -7.24 0.49
N TYR A 349 11.58 -6.75 1.16
CA TYR A 349 10.43 -6.20 0.45
C TYR A 349 10.70 -4.74 0.10
N THR A 350 11.21 -4.49 -1.10
CA THR A 350 11.51 -3.13 -1.54
C THR A 350 11.12 -2.99 -3.00
N GLU A 351 10.87 -1.75 -3.41
CA GLU A 351 10.50 -1.49 -4.79
C GLU A 351 11.60 -1.98 -5.73
N ASP A 352 12.84 -1.65 -5.40
CA ASP A 352 13.95 -2.05 -6.25
C ASP A 352 14.00 -3.55 -6.44
N ASN A 353 13.72 -4.32 -5.39
CA ASN A 353 13.73 -5.77 -5.53
C ASN A 353 12.57 -6.25 -6.40
N PHE A 354 11.41 -5.61 -6.31
CA PHE A 354 10.29 -6.02 -7.14
C PHE A 354 10.59 -5.80 -8.62
N VAL A 355 11.31 -4.73 -8.93
CA VAL A 355 11.67 -4.43 -10.31
C VAL A 355 12.45 -5.62 -10.88
N LYS A 356 13.33 -6.18 -10.06
CA LYS A 356 14.14 -7.33 -10.47
C LYS A 356 13.29 -8.54 -10.79
N PHE A 357 12.23 -8.76 -10.00
CA PHE A 357 11.37 -9.90 -10.22
C PHE A 357 10.45 -9.73 -11.42
N PHE A 358 9.97 -8.52 -11.64
CA PHE A 358 9.08 -8.27 -12.78
C PHE A 358 9.82 -8.11 -14.09
N LYS A 359 11.13 -7.87 -14.02
CA LYS A 359 11.94 -7.69 -15.22
C LYS A 359 11.39 -6.54 -16.04
N VAL A 360 11.17 -5.41 -15.38
CA VAL A 360 10.64 -4.22 -16.04
C VAL A 360 11.62 -3.07 -15.87
N LEU A 361 11.42 -2.01 -16.64
CA LEU A 361 12.26 -0.83 -16.51
C LEU A 361 11.51 0.00 -15.47
N ASN A 362 12.23 0.75 -14.65
CA ASN A 362 11.61 1.52 -13.57
C ASN A 362 12.56 2.65 -13.17
N ARG A 363 12.06 3.63 -12.43
CA ARG A 363 12.92 4.70 -11.95
C ARG A 363 14.04 4.01 -11.14
N LYS A 364 15.24 4.57 -11.19
CA LYS A 364 16.38 4.00 -10.50
C LYS A 364 16.52 4.50 -9.07
N THR A 365 15.79 5.57 -8.77
CA THR A 365 15.81 6.18 -7.44
C THR A 365 14.47 6.87 -7.19
N TYR A 366 14.14 7.07 -5.93
CA TYR A 366 12.92 7.74 -5.53
C TYR A 366 13.18 9.25 -5.66
N LEU A 367 14.46 9.62 -5.66
CA LEU A 367 14.86 11.02 -5.74
C LEU A 367 14.94 11.52 -7.18
N ASN A 368 13.81 11.48 -7.87
CA ASN A 368 13.74 11.94 -9.24
C ASN A 368 12.59 12.93 -9.39
N PHE A 369 12.20 13.21 -10.62
CA PHE A 369 11.11 14.14 -10.90
C PHE A 369 10.08 13.49 -11.82
N ASP A 370 8.81 13.64 -11.49
CA ASP A 370 7.76 13.08 -12.33
C ASP A 370 7.78 13.76 -13.69
N LYS A 371 7.39 13.01 -14.71
CA LYS A 371 7.38 13.52 -16.07
C LYS A 371 5.97 13.68 -16.64
N ALA A 372 5.13 12.67 -16.44
CA ALA A 372 3.78 12.73 -16.98
C ALA A 372 2.88 11.65 -16.41
N VAL A 373 1.58 11.84 -16.58
CA VAL A 373 0.60 10.86 -16.15
C VAL A 373 -0.16 10.42 -17.40
N PHE A 374 -0.33 9.11 -17.54
CA PHE A 374 -1.01 8.50 -18.68
C PHE A 374 -2.24 7.73 -18.25
N LYS A 375 -3.23 7.69 -19.13
CA LYS A 375 -4.43 6.91 -18.89
C LYS A 375 -4.08 5.57 -19.54
N ILE A 376 -4.42 4.48 -18.88
CA ILE A 376 -4.13 3.15 -19.41
C ILE A 376 -5.31 2.22 -19.13
N ASN A 377 -5.26 1.03 -19.70
CA ASN A 377 -6.28 0.01 -19.49
C ASN A 377 -5.59 -1.35 -19.51
N ILE A 378 -5.30 -1.88 -18.33
CA ILE A 378 -4.60 -3.16 -18.22
C ILE A 378 -5.51 -4.37 -18.16
N VAL A 379 -6.82 -4.17 -18.20
CA VAL A 379 -7.74 -5.29 -18.11
C VAL A 379 -7.69 -6.24 -19.32
N PRO A 380 -7.66 -5.70 -20.55
CA PRO A 380 -7.59 -6.59 -21.72
C PRO A 380 -6.26 -7.33 -21.77
N LYS A 381 -6.30 -8.65 -21.98
CA LYS A 381 -5.07 -9.42 -22.04
C LYS A 381 -4.19 -9.03 -23.23
N VAL A 382 -4.80 -8.39 -24.23
CA VAL A 382 -4.03 -7.95 -25.39
C VAL A 382 -3.22 -6.71 -25.05
N ASN A 383 -3.48 -6.15 -23.86
CA ASN A 383 -2.78 -4.95 -23.41
C ASN A 383 -1.78 -5.21 -22.30
N TYR A 384 -2.16 -6.08 -21.37
CA TYR A 384 -1.32 -6.32 -20.20
C TYR A 384 -1.68 -7.68 -19.62
N THR A 385 -0.67 -8.42 -19.14
CA THR A 385 -0.95 -9.72 -18.55
C THR A 385 -0.28 -9.89 -17.20
N ILE A 386 -0.80 -10.85 -16.44
CA ILE A 386 -0.28 -11.17 -15.12
C ILE A 386 1.21 -11.46 -15.16
N TYR A 387 1.64 -12.21 -16.18
CA TYR A 387 3.03 -12.63 -16.30
C TYR A 387 4.00 -11.71 -17.02
N ASP A 388 3.53 -10.91 -17.96
CA ASP A 388 4.43 -10.02 -18.70
C ASP A 388 4.16 -8.53 -18.56
N GLY A 389 3.09 -8.15 -17.87
CA GLY A 389 2.78 -6.74 -17.78
C GLY A 389 2.52 -6.25 -19.19
N PHE A 390 3.12 -5.12 -19.55
CA PHE A 390 2.95 -4.54 -20.90
C PHE A 390 3.86 -5.21 -21.93
N ASN A 391 4.94 -5.82 -21.46
CA ASN A 391 5.93 -6.43 -22.35
C ASN A 391 5.55 -7.84 -22.79
N LEU A 392 4.47 -7.93 -23.54
CA LEU A 392 3.92 -9.19 -24.02
C LEU A 392 4.88 -10.07 -24.81
N ARG A 393 5.05 -11.30 -24.33
CA ARG A 393 5.93 -12.26 -24.97
C ARG A 393 5.46 -12.61 -26.36
N ASN A 394 6.41 -12.94 -27.23
CA ASN A 394 6.12 -13.31 -28.60
C ASN A 394 5.38 -12.23 -29.40
N THR A 395 5.75 -10.98 -29.16
CA THR A 395 5.19 -9.84 -29.87
C THR A 395 6.33 -8.83 -29.95
N ASN A 396 6.13 -7.74 -30.68
CA ASN A 396 7.17 -6.73 -30.81
C ASN A 396 7.41 -6.01 -29.49
N LEU A 397 6.54 -6.25 -28.51
CA LEU A 397 6.66 -5.59 -27.21
C LEU A 397 7.44 -6.40 -26.18
N ALA A 398 7.82 -7.62 -26.54
CA ALA A 398 8.55 -8.49 -25.62
C ALA A 398 9.95 -8.01 -25.23
N ALA A 399 10.71 -7.53 -26.20
CA ALA A 399 12.08 -7.12 -25.94
C ALA A 399 12.27 -5.64 -25.65
N ASN A 400 13.39 -5.35 -24.98
CA ASN A 400 13.79 -3.99 -24.65
C ASN A 400 12.71 -3.17 -23.96
N PHE A 401 11.85 -3.82 -23.21
CA PHE A 401 10.78 -3.13 -22.49
C PHE A 401 9.93 -2.32 -23.46
N ASN A 402 9.79 -2.80 -24.69
CA ASN A 402 9.01 -2.09 -25.70
C ASN A 402 7.56 -1.85 -25.28
N GLY A 403 7.03 -2.73 -24.44
CA GLY A 403 5.67 -2.58 -23.98
C GLY A 403 5.52 -1.35 -23.09
N GLN A 404 6.59 -1.03 -22.36
CA GLN A 404 6.58 0.13 -21.47
C GLN A 404 6.98 1.39 -22.22
N ASN A 405 7.46 1.22 -23.46
CA ASN A 405 7.87 2.34 -24.29
C ASN A 405 6.59 3.00 -24.80
N THR A 406 6.23 4.15 -24.26
CA THR A 406 5.00 4.82 -24.65
C THR A 406 4.98 5.33 -26.09
N GLU A 407 6.15 5.38 -26.71
CA GLU A 407 6.24 5.84 -28.08
C GLU A 407 6.00 4.65 -29.02
N ILE A 408 6.59 3.51 -28.70
CA ILE A 408 6.42 2.30 -29.49
C ILE A 408 5.03 1.69 -29.25
N ASN A 409 4.65 1.56 -27.99
CA ASN A 409 3.36 0.99 -27.62
C ASN A 409 2.39 2.12 -27.32
N ASN A 410 2.34 3.10 -28.22
CA ASN A 410 1.49 4.27 -28.06
C ASN A 410 -0.01 4.01 -27.90
N MET A 411 -0.48 2.91 -28.47
CA MET A 411 -1.90 2.57 -28.38
C MET A 411 -2.37 2.27 -26.96
N ASN A 412 -1.41 1.99 -26.07
CA ASN A 412 -1.75 1.68 -24.69
C ASN A 412 -1.62 2.84 -23.72
N PHE A 413 -1.27 4.01 -24.23
CA PHE A 413 -1.09 5.17 -23.37
C PHE A 413 -1.64 6.46 -23.96
N THR A 414 -2.31 7.25 -23.11
CA THR A 414 -2.84 8.54 -23.51
C THR A 414 -2.30 9.52 -22.48
N LYS A 415 -1.40 10.41 -22.88
CA LYS A 415 -0.85 11.37 -21.93
C LYS A 415 -1.90 12.39 -21.56
N LEU A 416 -2.17 12.52 -20.26
CA LEU A 416 -3.17 13.45 -19.76
C LEU A 416 -2.56 14.75 -19.25
N LYS A 417 -1.32 14.68 -18.79
CA LYS A 417 -0.65 15.88 -18.28
C LYS A 417 0.87 15.73 -18.22
N ASN A 418 1.57 16.77 -18.62
CA ASN A 418 3.03 16.80 -18.58
C ASN A 418 3.41 17.58 -17.32
N PHE A 419 4.41 17.08 -16.59
CA PHE A 419 4.84 17.74 -15.37
C PHE A 419 6.16 18.49 -15.56
N THR A 420 6.97 18.04 -16.53
CA THR A 420 8.26 18.66 -16.78
C THR A 420 8.19 20.14 -17.09
N GLY A 421 9.03 20.92 -16.41
CA GLY A 421 9.08 22.35 -16.62
C GLY A 421 8.11 23.15 -15.78
N LEU A 422 7.23 22.46 -15.06
CA LEU A 422 6.24 23.12 -14.22
C LEU A 422 6.72 23.33 -12.80
N PHE A 423 7.76 22.60 -12.40
CA PHE A 423 8.30 22.70 -11.06
C PHE A 423 8.87 24.09 -10.79
N GLN B 1 3.82 6.05 -0.46
CA GLN B 1 3.48 7.30 -1.19
C GLN B 1 4.22 7.25 -2.52
N ARG B 2 3.46 7.29 -3.61
CA ARG B 2 4.01 7.20 -4.94
C ARG B 2 5.21 8.08 -5.20
N ALA B 3 5.13 9.35 -4.79
CA ALA B 3 6.25 10.30 -5.02
C ALA B 3 6.38 11.36 -3.94
N THR B 4 7.52 12.03 -3.93
CA THR B 4 7.86 13.08 -2.95
C THR B 4 6.97 14.33 -2.99
N LYS B 5 6.28 14.55 -4.11
CA LYS B 5 5.39 15.71 -4.36
C LYS B 5 5.73 16.37 -5.70
N MET B 6 6.91 16.05 -6.20
CA MET B 6 7.39 16.60 -7.46
C MET B 6 7.76 15.43 -8.36
#